data_3MJL
#
_entry.id   3MJL
#
_cell.length_a   90.680
_cell.length_b   90.680
_cell.length_c   69.820
_cell.angle_alpha   90.00
_cell.angle_beta   90.00
_cell.angle_gamma   120.00
#
_symmetry.space_group_name_H-M   'P 3'
#
loop_
_entity.id
_entity.type
_entity.pdbx_description
1 polymer Arginase-1
2 non-polymer 'MANGANESE (II) ION'
3 non-polymer 1H-imidazol-2-amine
4 water water
#
_entity_poly.entity_id   1
_entity_poly.type   'polypeptide(L)'
_entity_poly.pdbx_seq_one_letter_code
;MSAKSRTIGIIGAPFSKGQPRGGVEEGPTVLRKAGLLEKLKEQECDVKDYGDLPFADIPNDSPFQIVKNPRSVGKASEQL
AGKVAEVKKNGRISLVLGGDHSLAIGSISGHARVHPDLGVIWVDAHTDINTPLTTTSGNLHGQPVSFLLKELKGKIPDVP
GFSWVTPCISAKDIVYIGLRDVDPGEHYILKTLGIKYFSMTEVDRLGIGKVMEETLSYLLGRKKRPIHLSFDVDGLDPSF
TPATGTPVVGGLTYREGLYITEEIYKTGLLSGLDIMEVNPSLGKTPEEVTRTVNTAVAITLACFGLAREGNHKPIDYLNP
PK
;
_entity_poly.pdbx_strand_id   A,B
#
# COMPACT_ATOMS: atom_id res chain seq x y z
N ARG A 6 -1.26 0.79 -40.08
CA ARG A 6 -1.17 1.22 -38.69
C ARG A 6 -0.97 -0.02 -37.80
N THR A 7 0.30 -0.36 -37.78
CA THR A 7 0.88 -1.56 -37.23
C THR A 7 1.25 -1.34 -35.78
N ILE A 8 0.93 -2.35 -34.97
CA ILE A 8 1.10 -2.29 -33.53
C ILE A 8 2.09 -3.33 -33.03
N GLY A 9 2.85 -2.96 -32.00
CA GLY A 9 3.77 -3.78 -31.24
C GLY A 9 3.28 -3.83 -29.79
N ILE A 10 2.70 -4.96 -29.39
CA ILE A 10 2.16 -5.09 -28.04
C ILE A 10 3.25 -5.57 -27.09
N ILE A 11 3.43 -4.88 -25.99
CA ILE A 11 4.38 -5.07 -24.91
C ILE A 11 3.69 -5.16 -23.56
N GLY A 12 3.63 -6.34 -22.94
CA GLY A 12 3.02 -6.40 -21.61
C GLY A 12 4.05 -5.96 -20.58
N ALA A 13 3.61 -5.13 -19.63
CA ALA A 13 4.53 -4.60 -18.62
C ALA A 13 3.98 -4.81 -17.21
N PRO A 14 4.09 -6.04 -16.73
CA PRO A 14 3.50 -6.40 -15.44
C PRO A 14 4.32 -5.87 -14.26
N PHE A 15 4.22 -4.56 -14.01
CA PHE A 15 5.03 -3.98 -12.93
C PHE A 15 4.17 -3.14 -12.01
N SER A 16 4.48 -3.18 -10.71
CA SER A 16 3.69 -2.51 -9.69
C SER A 16 4.50 -1.70 -8.68
N LYS A 17 5.83 -1.78 -8.68
CA LYS A 17 6.56 -1.21 -7.56
C LYS A 17 6.76 0.30 -7.67
N GLY A 18 6.05 0.91 -8.60
CA GLY A 18 6.01 2.36 -8.73
C GLY A 18 5.00 2.91 -7.74
N GLN A 19 4.25 2.00 -7.12
CA GLN A 19 3.27 2.36 -6.10
C GLN A 19 2.98 1.21 -5.14
N PRO A 20 2.22 1.40 -4.07
CA PRO A 20 2.01 0.33 -3.07
C PRO A 20 1.12 -0.85 -3.44
N ARG A 21 0.01 -0.71 -4.15
CA ARG A 21 -0.95 -1.81 -4.27
C ARG A 21 -0.58 -2.80 -5.34
N GLY A 22 -0.61 -4.11 -5.03
CA GLY A 22 -0.06 -5.11 -5.90
C GLY A 22 -0.69 -5.56 -7.18
N GLY A 23 -1.99 -5.65 -7.30
CA GLY A 23 -2.61 -6.31 -8.44
C GLY A 23 -2.44 -5.61 -9.79
N VAL A 24 -1.82 -4.43 -9.87
CA VAL A 24 -1.71 -3.68 -11.13
C VAL A 24 -0.82 -4.44 -12.09
N GLU A 25 0.01 -5.31 -11.49
CA GLU A 25 0.85 -6.18 -12.28
C GLU A 25 0.02 -7.15 -13.11
N GLU A 26 -1.27 -7.38 -12.84
CA GLU A 26 -1.95 -8.36 -13.70
C GLU A 26 -2.70 -7.65 -14.81
N GLY A 27 -2.44 -6.36 -14.99
CA GLY A 27 -3.08 -5.64 -16.08
C GLY A 27 -2.89 -6.29 -17.44
N PRO A 28 -1.65 -6.58 -17.84
CA PRO A 28 -1.47 -7.10 -19.21
C PRO A 28 -2.25 -8.42 -19.37
N THR A 29 -2.40 -9.14 -18.26
CA THR A 29 -3.13 -10.40 -18.24
C THR A 29 -4.62 -10.25 -18.41
N VAL A 30 -5.28 -9.39 -17.60
CA VAL A 30 -6.74 -9.42 -17.91
C VAL A 30 -7.05 -8.62 -19.16
N LEU A 31 -6.25 -7.64 -19.56
CA LEU A 31 -6.58 -7.05 -20.88
C LEU A 31 -6.45 -8.06 -22.02
N ARG A 32 -5.37 -8.83 -22.02
CA ARG A 32 -5.19 -9.83 -23.06
C ARG A 32 -6.34 -10.84 -23.02
N LYS A 33 -6.80 -11.19 -21.83
CA LYS A 33 -7.92 -12.06 -21.54
C LYS A 33 -9.23 -11.51 -22.10
N ALA A 34 -9.38 -10.19 -22.08
CA ALA A 34 -10.57 -9.55 -22.62
C ALA A 34 -10.60 -9.58 -24.14
N GLY A 35 -9.60 -10.20 -24.76
CA GLY A 35 -9.53 -10.37 -26.19
C GLY A 35 -8.98 -9.17 -26.92
N LEU A 36 -8.12 -8.40 -26.24
CA LEU A 36 -7.62 -7.16 -26.85
C LEU A 36 -7.00 -7.45 -28.20
N LEU A 37 -6.02 -8.37 -28.26
CA LEU A 37 -5.31 -8.41 -29.55
C LEU A 37 -6.21 -8.96 -30.64
N GLU A 38 -7.14 -9.84 -30.29
CA GLU A 38 -8.05 -10.37 -31.28
C GLU A 38 -9.00 -9.28 -31.80
N LYS A 39 -9.45 -8.43 -30.88
CA LYS A 39 -10.36 -7.36 -31.31
C LYS A 39 -9.63 -6.41 -32.23
N LEU A 40 -8.33 -6.25 -31.95
CA LEU A 40 -7.52 -5.34 -32.77
C LEU A 40 -7.40 -5.92 -34.18
N LYS A 41 -7.10 -7.21 -34.24
CA LYS A 41 -7.08 -7.91 -35.52
C LYS A 41 -8.44 -7.87 -36.21
N GLU A 42 -9.52 -8.02 -35.45
CA GLU A 42 -10.87 -7.92 -36.00
C GLU A 42 -11.05 -6.59 -36.74
N GLN A 43 -10.39 -5.61 -36.15
CA GLN A 43 -10.25 -4.27 -36.65
C GLN A 43 -9.31 -4.23 -37.84
N GLU A 44 -8.89 -3.01 -38.16
CA GLU A 44 -8.04 -2.87 -39.35
C GLU A 44 -6.61 -3.29 -39.13
N CYS A 45 -6.27 -4.01 -38.06
CA CYS A 45 -4.93 -3.93 -37.53
C CYS A 45 -3.98 -5.11 -37.72
N ASP A 46 -2.72 -4.72 -37.83
CA ASP A 46 -1.52 -5.53 -37.99
C ASP A 46 -0.78 -5.57 -36.65
N VAL A 47 -0.90 -6.69 -35.96
CA VAL A 47 -0.52 -6.83 -34.56
C VAL A 47 0.57 -7.86 -34.27
N LYS A 48 1.68 -7.43 -33.67
CA LYS A 48 2.72 -8.38 -33.27
C LYS A 48 2.95 -8.30 -31.78
N ASP A 49 2.75 -9.43 -31.11
CA ASP A 49 2.86 -9.40 -29.65
C ASP A 49 4.31 -9.54 -29.28
N TYR A 50 4.81 -8.63 -28.46
CA TYR A 50 6.24 -8.70 -28.15
C TYR A 50 6.42 -9.43 -26.83
N GLY A 51 5.32 -9.95 -26.28
CA GLY A 51 5.35 -10.71 -25.06
C GLY A 51 5.26 -9.83 -23.83
N ASP A 52 5.17 -10.44 -22.66
CA ASP A 52 5.12 -9.78 -21.37
C ASP A 52 6.52 -9.62 -20.80
N LEU A 53 7.02 -8.39 -20.63
CA LEU A 53 8.44 -8.30 -20.21
C LEU A 53 8.65 -8.96 -18.86
N PRO A 54 9.72 -9.74 -18.74
CA PRO A 54 9.91 -10.51 -17.51
C PRO A 54 10.67 -9.71 -16.45
N PHE A 55 9.94 -9.06 -15.56
CA PHE A 55 10.55 -8.20 -14.54
C PHE A 55 11.05 -9.00 -13.36
N ALA A 56 12.39 -9.11 -13.26
CA ALA A 56 12.91 -9.93 -12.17
C ALA A 56 13.00 -9.12 -10.89
N ASP A 57 12.91 -9.89 -9.81
CA ASP A 57 12.97 -9.34 -8.46
C ASP A 57 14.31 -8.64 -8.22
N ILE A 58 14.24 -7.55 -7.49
CA ILE A 58 15.34 -6.83 -6.87
C ILE A 58 15.09 -6.77 -5.37
N PRO A 59 15.55 -7.84 -4.69
CA PRO A 59 15.28 -8.02 -3.27
C PRO A 59 15.94 -6.92 -2.44
N ASN A 60 17.12 -6.49 -2.89
CA ASN A 60 17.78 -5.42 -2.14
C ASN A 60 17.46 -4.06 -2.72
N ASP A 61 16.42 -3.42 -2.18
CA ASP A 61 15.97 -2.16 -2.79
C ASP A 61 15.39 -1.27 -1.70
N SER A 62 16.26 -0.75 -0.85
CA SER A 62 15.83 0.14 0.23
C SER A 62 15.48 1.51 -0.32
N PRO A 63 14.57 2.24 0.30
CA PRO A 63 14.25 3.59 -0.18
C PRO A 63 15.45 4.48 -0.40
N PHE A 64 15.26 5.43 -1.32
CA PHE A 64 16.21 6.52 -1.52
C PHE A 64 15.55 7.75 -0.92
N GLN A 65 16.12 8.10 0.24
CA GLN A 65 15.39 9.08 1.04
C GLN A 65 14.00 8.52 1.32
N ILE A 66 12.95 9.19 0.87
CA ILE A 66 11.61 8.67 1.04
C ILE A 66 11.12 7.97 -0.21
N VAL A 67 11.97 7.91 -1.22
CA VAL A 67 11.54 7.32 -2.48
C VAL A 67 11.68 5.80 -2.45
N LYS A 68 10.58 5.14 -2.74
CA LYS A 68 10.40 3.70 -2.61
C LYS A 68 10.70 2.90 -3.87
N ASN A 69 11.30 1.74 -3.67
CA ASN A 69 11.68 0.76 -4.65
C ASN A 69 12.40 1.31 -5.88
N PRO A 70 13.34 2.22 -5.75
CA PRO A 70 13.90 2.89 -6.94
C PRO A 70 14.67 1.99 -7.89
N ARG A 71 15.48 1.02 -7.44
CA ARG A 71 16.21 0.21 -8.42
C ARG A 71 15.25 -0.65 -9.20
N SER A 72 14.16 -1.00 -8.52
CA SER A 72 13.21 -1.90 -9.17
C SER A 72 12.48 -1.14 -10.28
N VAL A 73 12.08 0.08 -9.93
CA VAL A 73 11.38 0.95 -10.85
C VAL A 73 12.29 1.36 -12.00
N GLY A 74 13.53 1.67 -11.64
CA GLY A 74 14.63 2.01 -12.51
C GLY A 74 14.94 1.01 -13.59
N LYS A 75 15.15 -0.25 -13.19
CA LYS A 75 15.50 -1.30 -14.15
C LYS A 75 14.33 -1.71 -15.02
N ALA A 76 13.12 -1.67 -14.43
CA ALA A 76 11.96 -2.03 -15.23
C ALA A 76 11.67 -1.01 -16.32
N SER A 77 11.95 0.27 -16.03
CA SER A 77 11.73 1.26 -17.09
C SER A 77 12.86 1.14 -18.10
N GLU A 78 14.03 0.80 -17.57
CA GLU A 78 15.20 0.56 -18.40
C GLU A 78 14.92 -0.49 -19.46
N GLN A 79 14.46 -1.63 -18.96
CA GLN A 79 14.05 -2.77 -19.76
C GLN A 79 13.03 -2.33 -20.80
N LEU A 80 11.94 -1.74 -20.30
CA LEU A 80 10.85 -1.40 -21.18
C LEU A 80 11.34 -0.40 -22.23
N ALA A 81 12.27 0.46 -21.80
CA ALA A 81 12.78 1.45 -22.75
C ALA A 81 13.43 0.69 -23.91
N GLY A 82 14.24 -0.28 -23.53
CA GLY A 82 14.84 -1.16 -24.51
C GLY A 82 13.85 -1.71 -25.52
N LYS A 83 12.73 -2.25 -25.02
CA LYS A 83 11.83 -3.00 -25.89
C LYS A 83 10.99 -2.10 -26.79
N VAL A 84 10.55 -0.98 -26.26
CA VAL A 84 9.80 -0.01 -27.05
C VAL A 84 10.63 0.49 -28.24
N ALA A 85 11.90 0.83 -28.03
CA ALA A 85 12.77 1.28 -29.12
C ALA A 85 12.88 0.20 -30.20
N GLU A 86 12.92 -1.06 -29.77
CA GLU A 86 12.87 -2.23 -30.65
C GLU A 86 11.59 -2.16 -31.49
N VAL A 87 10.44 -2.07 -30.83
CA VAL A 87 9.19 -2.06 -31.60
C VAL A 87 9.18 -0.89 -32.57
N LYS A 88 9.60 0.28 -32.11
CA LYS A 88 9.61 1.48 -32.95
C LYS A 88 10.53 1.29 -34.14
N LYS A 89 11.71 0.74 -33.94
CA LYS A 89 12.68 0.44 -34.98
C LYS A 89 12.16 -0.65 -35.93
N ASN A 90 11.07 -1.30 -35.55
CA ASN A 90 10.42 -2.31 -36.39
C ASN A 90 9.21 -1.69 -37.07
N GLY A 91 9.08 -0.36 -36.98
CA GLY A 91 8.03 0.34 -37.71
C GLY A 91 6.62 0.01 -37.27
N ARG A 92 6.40 0.01 -35.95
CA ARG A 92 5.07 -0.31 -35.45
C ARG A 92 4.78 0.63 -34.29
N ILE A 93 3.50 0.89 -34.03
CA ILE A 93 3.13 1.66 -32.83
C ILE A 93 3.31 0.82 -31.58
N SER A 94 4.08 1.30 -30.61
CA SER A 94 4.20 0.50 -29.38
C SER A 94 2.96 0.62 -28.51
N LEU A 95 2.45 -0.50 -28.04
CA LEU A 95 1.30 -0.56 -27.14
C LEU A 95 1.71 -1.15 -25.80
N VAL A 96 1.95 -0.30 -24.81
CA VAL A 96 2.42 -0.81 -23.52
C VAL A 96 1.23 -1.08 -22.61
N LEU A 97 1.07 -2.36 -22.24
CA LEU A 97 -0.02 -2.64 -21.30
C LEU A 97 0.56 -2.59 -19.88
N GLY A 98 0.01 -1.75 -19.02
CA GLY A 98 0.65 -1.65 -17.68
C GLY A 98 -0.08 -2.50 -16.66
N GLY A 99 0.40 -2.54 -15.43
CA GLY A 99 1.55 -1.85 -14.91
C GLY A 99 1.29 -0.48 -14.35
N ASP A 100 2.08 -0.06 -13.35
CA ASP A 100 1.76 1.28 -12.84
C ASP A 100 2.35 2.30 -13.82
N HIS A 101 1.99 3.56 -13.64
CA HIS A 101 2.45 4.63 -14.51
C HIS A 101 3.91 5.01 -14.38
N SER A 102 4.67 4.43 -13.44
CA SER A 102 6.10 4.73 -13.39
C SER A 102 6.80 4.34 -14.70
N LEU A 103 6.21 3.40 -15.41
CA LEU A 103 6.78 2.81 -16.61
C LEU A 103 6.82 3.79 -17.78
N ALA A 104 6.11 4.91 -17.62
CA ALA A 104 6.12 5.95 -18.63
C ALA A 104 7.53 6.42 -18.90
N ILE A 105 8.32 6.54 -17.86
CA ILE A 105 9.73 6.87 -17.95
C ILE A 105 10.43 6.06 -19.01
N GLY A 106 10.25 4.73 -18.92
CA GLY A 106 10.89 3.91 -19.94
C GLY A 106 10.21 3.99 -21.30
N SER A 107 8.88 4.08 -21.35
CA SER A 107 8.14 4.05 -22.60
C SER A 107 8.43 5.30 -23.43
N ILE A 108 8.41 6.44 -22.72
CA ILE A 108 8.67 7.66 -23.48
C ILE A 108 10.16 7.73 -23.80
N SER A 109 11.01 7.32 -22.87
CA SER A 109 12.43 7.24 -23.13
C SER A 109 12.74 6.45 -24.40
N GLY A 110 12.28 5.21 -24.49
CA GLY A 110 12.60 4.39 -25.65
C GLY A 110 11.98 4.92 -26.94
N HIS A 111 10.74 5.39 -26.85
CA HIS A 111 10.08 6.02 -27.99
C HIS A 111 10.92 7.15 -28.56
N ALA A 112 11.46 8.02 -27.71
CA ALA A 112 12.24 9.16 -28.18
C ALA A 112 13.63 8.82 -28.70
N ARG A 113 14.22 7.69 -28.31
CA ARG A 113 15.49 7.28 -28.92
C ARG A 113 15.34 7.14 -30.43
N VAL A 114 14.22 6.61 -30.87
CA VAL A 114 13.89 6.51 -32.28
C VAL A 114 13.14 7.74 -32.79
N HIS A 115 12.33 8.38 -31.95
CA HIS A 115 11.55 9.52 -32.43
C HIS A 115 11.67 10.73 -31.51
N PRO A 116 12.86 11.27 -31.41
CA PRO A 116 13.17 12.37 -30.53
C PRO A 116 12.23 13.57 -30.70
N ASP A 117 11.51 13.72 -31.82
CA ASP A 117 10.66 14.89 -32.01
C ASP A 117 9.23 14.66 -31.52
N LEU A 118 9.03 13.59 -30.76
CA LEU A 118 7.69 13.20 -30.35
C LEU A 118 7.01 14.21 -29.46
N GLY A 119 5.67 14.27 -29.54
CA GLY A 119 4.95 15.11 -28.57
C GLY A 119 4.11 14.23 -27.67
N VAL A 120 3.88 14.64 -26.43
CA VAL A 120 3.18 13.79 -25.48
C VAL A 120 1.82 14.33 -25.07
N ILE A 121 0.83 13.44 -25.14
CA ILE A 121 -0.47 13.71 -24.54
C ILE A 121 -0.63 12.82 -23.30
N TRP A 122 -0.85 13.44 -22.16
CA TRP A 122 -0.90 12.69 -20.89
C TRP A 122 -2.30 12.77 -20.29
N VAL A 123 -3.08 11.69 -20.35
CA VAL A 123 -4.45 11.69 -19.91
C VAL A 123 -4.48 11.10 -18.49
N ASP A 124 -4.90 11.86 -17.50
CA ASP A 124 -4.69 11.49 -16.09
C ASP A 124 -5.37 12.47 -15.15
N ALA A 125 -5.79 11.96 -14.00
CA ALA A 125 -6.27 12.81 -12.93
C ALA A 125 -5.13 13.55 -12.24
N HIS A 126 -3.92 13.02 -12.34
CA HIS A 126 -2.69 13.53 -11.78
C HIS A 126 -1.67 13.99 -12.82
N THR A 127 -0.71 14.83 -12.41
CA THR A 127 0.32 15.34 -13.31
C THR A 127 1.56 14.47 -13.33
N ASP A 128 1.69 13.65 -12.28
CA ASP A 128 2.78 12.70 -12.14
C ASP A 128 4.13 13.37 -12.39
N ILE A 129 4.24 14.59 -11.89
CA ILE A 129 5.46 15.35 -12.16
C ILE A 129 6.14 15.73 -10.87
N ASN A 130 5.81 14.99 -9.81
CA ASN A 130 6.55 15.28 -8.58
C ASN A 130 8.02 15.01 -8.77
N THR A 131 8.91 15.72 -8.08
CA THR A 131 10.28 15.22 -8.13
C THR A 131 10.53 14.45 -6.82
N PRO A 132 11.60 13.66 -6.73
CA PRO A 132 12.04 12.98 -5.51
C PRO A 132 12.07 13.88 -4.28
N LEU A 133 12.31 15.15 -4.53
CA LEU A 133 12.38 16.15 -3.46
C LEU A 133 11.05 16.84 -3.30
N THR A 134 10.16 16.70 -4.29
CA THR A 134 8.85 17.25 -3.95
C THR A 134 7.86 16.12 -3.64
N THR A 135 8.19 14.87 -3.91
CA THR A 135 7.18 13.86 -3.61
C THR A 135 6.87 13.83 -2.12
N THR A 136 5.61 13.65 -1.72
CA THR A 136 5.34 13.47 -0.30
C THR A 136 5.09 11.98 0.02
N SER A 137 4.62 11.25 -0.97
CA SER A 137 4.27 9.84 -0.85
C SER A 137 5.47 8.93 -1.07
N GLY A 138 6.39 9.34 -1.95
CA GLY A 138 7.52 8.46 -2.24
C GLY A 138 7.23 7.54 -3.42
N ASN A 139 5.97 7.45 -3.85
CA ASN A 139 5.63 6.48 -4.90
C ASN A 139 6.07 6.91 -6.29
N LEU A 140 6.86 6.11 -7.00
CA LEU A 140 7.42 6.62 -8.25
C LEU A 140 6.41 6.77 -9.37
N HIS A 141 5.19 6.27 -9.28
CA HIS A 141 4.23 6.47 -10.38
C HIS A 141 3.59 7.85 -10.45
N GLY A 142 3.97 8.76 -9.59
CA GLY A 142 3.54 10.11 -9.34
C GLY A 142 4.68 11.08 -9.64
N GLN A 143 5.77 10.53 -10.13
CA GLN A 143 7.02 11.13 -10.50
C GLN A 143 7.43 10.97 -11.96
N PRO A 144 6.92 10.13 -12.85
CA PRO A 144 7.64 9.84 -14.10
C PRO A 144 7.92 11.07 -14.96
N VAL A 145 7.05 12.08 -14.88
CA VAL A 145 7.23 13.22 -15.79
C VAL A 145 8.43 14.06 -15.40
N SER A 146 8.68 14.19 -14.10
CA SER A 146 9.84 14.94 -13.63
C SER A 146 11.15 14.37 -14.14
N PHE A 147 11.21 13.05 -14.34
CA PHE A 147 12.42 12.42 -14.83
C PHE A 147 12.67 12.76 -16.30
N LEU A 148 11.57 12.99 -17.03
CA LEU A 148 11.61 13.05 -18.48
C LEU A 148 11.87 14.45 -19.02
N LEU A 149 11.67 15.47 -18.22
CA LEU A 149 11.69 16.85 -18.67
C LEU A 149 13.07 17.50 -18.59
N LYS A 150 13.54 17.97 -19.75
CA LYS A 150 14.84 18.63 -19.81
C LYS A 150 14.95 19.79 -18.83
N GLU A 151 13.87 20.54 -18.67
CA GLU A 151 13.89 21.71 -17.78
C GLU A 151 14.01 21.32 -16.31
N LEU A 152 13.77 20.07 -15.93
CA LEU A 152 13.84 19.76 -14.49
C LEU A 152 15.20 19.15 -14.18
N LYS A 153 16.01 19.15 -15.24
CA LYS A 153 17.43 18.84 -15.19
C LYS A 153 18.10 19.78 -14.18
N GLY A 154 18.76 19.18 -13.20
CA GLY A 154 19.38 19.84 -12.09
C GLY A 154 18.59 19.64 -10.80
N LYS A 155 17.31 19.29 -10.94
CA LYS A 155 16.45 19.14 -9.77
C LYS A 155 16.12 17.69 -9.50
N ILE A 156 16.70 16.76 -10.25
CA ILE A 156 16.48 15.35 -10.01
C ILE A 156 17.75 14.72 -9.44
N PRO A 157 17.77 14.35 -8.17
CA PRO A 157 19.03 13.86 -7.60
C PRO A 157 19.43 12.56 -8.25
N ASP A 158 20.62 12.07 -7.97
CA ASP A 158 20.89 10.75 -8.54
C ASP A 158 20.25 9.65 -7.69
N VAL A 159 19.10 9.18 -8.13
CA VAL A 159 18.37 8.04 -7.61
C VAL A 159 18.87 6.70 -8.13
N PRO A 160 19.24 5.72 -7.30
CA PRO A 160 19.71 4.43 -7.83
C PRO A 160 18.63 3.74 -8.65
N GLY A 161 19.08 3.18 -9.78
CA GLY A 161 18.23 2.57 -10.77
C GLY A 161 17.93 3.53 -11.92
N PHE A 162 18.33 4.79 -11.78
CA PHE A 162 17.91 5.65 -12.90
C PHE A 162 19.07 6.30 -13.63
N SER A 163 20.30 5.87 -13.42
CA SER A 163 21.46 6.54 -14.00
C SER A 163 21.47 6.47 -15.53
N TRP A 164 20.69 5.57 -16.10
CA TRP A 164 20.58 5.40 -17.53
C TRP A 164 19.69 6.47 -18.14
N VAL A 165 19.04 7.26 -17.29
CA VAL A 165 18.02 8.15 -17.84
C VAL A 165 18.61 9.44 -18.39
N THR A 166 18.08 9.86 -19.53
CA THR A 166 18.35 11.19 -20.07
C THR A 166 17.01 11.86 -20.43
N PRO A 167 16.69 12.97 -19.79
CA PRO A 167 15.47 13.71 -20.11
C PRO A 167 15.31 13.93 -21.61
N CYS A 168 14.17 13.56 -22.18
CA CYS A 168 14.04 13.55 -23.63
C CYS A 168 12.90 14.43 -24.11
N ILE A 169 12.22 15.14 -23.22
CA ILE A 169 11.15 15.99 -23.75
C ILE A 169 11.17 17.32 -23.01
N SER A 170 10.87 18.43 -23.71
CA SER A 170 10.85 19.72 -23.04
C SER A 170 9.42 20.09 -22.62
N ALA A 171 9.32 21.00 -21.67
CA ALA A 171 8.06 21.45 -21.11
C ALA A 171 7.03 21.71 -22.20
N LYS A 172 7.45 22.24 -23.34
CA LYS A 172 6.47 22.63 -24.37
C LYS A 172 5.95 21.47 -25.19
N ASP A 173 6.52 20.27 -25.04
CA ASP A 173 6.14 19.15 -25.88
C ASP A 173 5.17 18.18 -25.20
N ILE A 174 4.53 18.60 -24.12
CA ILE A 174 3.54 17.72 -23.48
C ILE A 174 2.26 18.50 -23.18
N VAL A 175 1.13 17.82 -23.28
CA VAL A 175 -0.15 18.38 -22.86
C VAL A 175 -0.87 17.42 -21.91
N TYR A 176 -1.35 17.92 -20.80
CA TYR A 176 -2.19 17.20 -19.86
C TYR A 176 -3.68 17.39 -20.16
N ILE A 177 -4.46 16.34 -20.03
CA ILE A 177 -5.91 16.35 -20.11
C ILE A 177 -6.48 15.52 -18.94
N GLY A 178 -7.40 16.05 -18.17
CA GLY A 178 -8.15 15.38 -17.12
C GLY A 178 -7.80 15.72 -15.70
N LEU A 179 -6.95 16.71 -15.44
CA LEU A 179 -6.39 16.92 -14.11
C LEU A 179 -7.45 17.33 -13.10
N ARG A 180 -7.32 16.83 -11.88
CA ARG A 180 -8.19 17.17 -10.77
C ARG A 180 -7.56 16.83 -9.41
N ASP A 181 -6.36 16.26 -9.37
CA ASP A 181 -5.65 16.03 -8.11
C ASP A 181 -4.16 16.32 -8.24
N VAL A 182 -3.81 17.59 -8.20
CA VAL A 182 -2.47 18.12 -8.45
C VAL A 182 -1.80 18.68 -7.20
N ASP A 183 -0.62 18.23 -6.80
CA ASP A 183 -0.02 18.74 -5.57
C ASP A 183 0.36 20.21 -5.68
N PRO A 184 0.67 20.94 -4.63
CA PRO A 184 1.08 22.35 -4.84
C PRO A 184 2.45 22.50 -5.48
N GLY A 185 3.43 21.65 -5.19
CA GLY A 185 4.72 21.77 -5.89
C GLY A 185 4.56 21.37 -7.34
N GLU A 186 3.70 20.39 -7.61
CA GLU A 186 3.42 20.06 -9.02
C GLU A 186 2.83 21.26 -9.73
N HIS A 187 1.86 21.93 -9.11
CA HIS A 187 1.25 23.08 -9.76
C HIS A 187 2.24 24.21 -9.97
N TYR A 188 3.13 24.40 -9.01
CA TYR A 188 4.20 25.38 -9.15
C TYR A 188 4.98 25.04 -10.41
N ILE A 189 5.30 23.75 -10.51
CA ILE A 189 6.11 23.37 -11.67
C ILE A 189 5.32 23.66 -12.95
N LEU A 190 4.01 23.44 -12.86
CA LEU A 190 3.17 23.59 -14.03
C LEU A 190 3.30 24.99 -14.61
N LYS A 191 3.04 25.95 -13.75
CA LYS A 191 2.98 27.37 -14.00
C LYS A 191 4.35 27.96 -14.30
N THR A 192 5.36 27.37 -13.68
CA THR A 192 6.74 27.83 -13.75
C THR A 192 7.37 27.51 -15.09
N LEU A 193 7.18 26.27 -15.56
CA LEU A 193 7.66 25.85 -16.87
C LEU A 193 6.62 26.07 -17.95
N GLY A 194 5.53 26.73 -17.64
CA GLY A 194 4.48 27.08 -18.59
C GLY A 194 3.91 25.88 -19.32
N ILE A 195 3.67 24.78 -18.59
CA ILE A 195 3.21 23.57 -19.28
C ILE A 195 1.75 23.70 -19.67
N LYS A 196 1.42 23.15 -20.83
CA LYS A 196 0.05 23.30 -21.33
C LYS A 196 -0.87 22.26 -20.70
N TYR A 197 -2.00 22.65 -20.09
CA TYR A 197 -2.85 21.62 -19.50
C TYR A 197 -4.32 21.97 -19.68
N PHE A 198 -5.12 20.92 -19.76
CA PHE A 198 -6.55 21.07 -19.67
C PHE A 198 -7.04 20.27 -18.46
N SER A 199 -7.22 20.93 -17.35
CA SER A 199 -7.76 20.28 -16.16
C SER A 199 -9.27 20.13 -16.32
N MET A 200 -9.94 19.44 -15.39
CA MET A 200 -11.36 19.19 -15.59
C MET A 200 -12.14 20.50 -15.73
N THR A 201 -11.61 21.53 -15.11
CA THR A 201 -12.17 22.89 -15.21
C THR A 201 -12.24 23.35 -16.67
N GLU A 202 -11.16 23.13 -17.41
CA GLU A 202 -11.05 23.54 -18.81
C GLU A 202 -11.90 22.66 -19.72
N VAL A 203 -11.97 21.39 -19.33
CA VAL A 203 -12.82 20.52 -20.13
C VAL A 203 -14.28 20.90 -19.94
N ASP A 204 -14.61 21.32 -18.71
CA ASP A 204 -15.97 21.74 -18.43
C ASP A 204 -16.30 23.06 -19.13
N ARG A 205 -15.34 23.96 -19.05
CA ARG A 205 -15.44 25.27 -19.69
C ARG A 205 -15.54 25.14 -21.19
N LEU A 206 -14.63 24.46 -21.88
CA LEU A 206 -14.60 24.52 -23.34
C LEU A 206 -15.31 23.37 -24.03
N GLY A 207 -15.37 22.21 -23.37
CA GLY A 207 -15.95 21.01 -23.92
C GLY A 207 -14.80 20.19 -24.50
N ILE A 208 -14.95 18.87 -24.57
CA ILE A 208 -13.86 18.04 -25.06
C ILE A 208 -13.50 18.31 -26.52
N GLY A 209 -14.46 18.78 -27.31
CA GLY A 209 -14.17 19.08 -28.70
C GLY A 209 -13.09 20.14 -28.84
N LYS A 210 -13.30 21.29 -28.19
CA LYS A 210 -12.32 22.38 -28.24
C LYS A 210 -11.02 21.97 -27.56
N VAL A 211 -11.16 21.19 -26.48
CA VAL A 211 -9.95 20.75 -25.76
C VAL A 211 -9.02 20.01 -26.71
N MET A 212 -9.60 19.11 -27.49
CA MET A 212 -8.82 18.28 -28.39
C MET A 212 -8.33 19.11 -29.57
N GLU A 213 -9.19 19.97 -30.07
CA GLU A 213 -8.76 20.95 -31.08
C GLU A 213 -7.47 21.65 -30.68
N GLU A 214 -7.51 22.38 -29.58
CA GLU A 214 -6.33 23.08 -29.10
C GLU A 214 -5.21 22.14 -28.73
N THR A 215 -5.50 20.99 -28.13
CA THR A 215 -4.39 20.07 -27.81
C THR A 215 -3.59 19.69 -29.05
N LEU A 216 -4.27 19.26 -30.11
CA LEU A 216 -3.60 18.80 -31.34
C LEU A 216 -2.87 19.95 -32.02
N SER A 217 -3.57 21.08 -32.08
CA SER A 217 -3.03 22.31 -32.63
C SER A 217 -1.77 22.75 -31.91
N TYR A 218 -1.82 22.75 -30.58
CA TYR A 218 -0.67 23.04 -29.72
C TYR A 218 0.52 22.16 -30.01
N LEU A 219 0.30 20.86 -30.20
CA LEU A 219 1.43 19.97 -30.41
C LEU A 219 1.81 19.85 -31.88
N LEU A 220 0.88 20.00 -32.83
CA LEU A 220 1.26 19.79 -34.22
C LEU A 220 1.18 21.01 -35.13
N GLY A 221 0.78 22.17 -34.63
CA GLY A 221 0.53 23.33 -35.45
C GLY A 221 1.77 23.85 -36.17
N ARG A 222 2.92 23.79 -35.51
CA ARG A 222 4.22 24.12 -36.08
C ARG A 222 4.64 23.04 -37.08
N LYS A 223 4.34 21.77 -36.80
CA LYS A 223 4.70 20.71 -37.73
C LYS A 223 4.34 19.34 -37.15
N LYS A 224 3.78 18.54 -38.03
CA LYS A 224 3.47 17.14 -37.79
C LYS A 224 4.63 16.53 -36.99
N ARG A 225 4.33 15.64 -36.05
CA ARG A 225 5.33 14.91 -35.29
C ARG A 225 4.68 13.69 -34.63
N PRO A 226 5.49 12.71 -34.27
CA PRO A 226 4.92 11.50 -33.66
C PRO A 226 4.29 11.84 -32.32
N ILE A 227 3.18 11.16 -32.01
CA ILE A 227 2.52 11.36 -30.72
C ILE A 227 2.62 10.13 -29.82
N HIS A 228 2.95 10.34 -28.56
CA HIS A 228 2.92 9.34 -27.50
C HIS A 228 1.71 9.61 -26.61
N LEU A 229 0.73 8.71 -26.59
CA LEU A 229 -0.42 8.99 -25.72
C LEU A 229 -0.21 8.18 -24.44
N SER A 230 -0.07 8.83 -23.29
CA SER A 230 0.14 8.03 -22.07
C SER A 230 -1.19 8.10 -21.33
N PHE A 231 -1.96 7.02 -21.35
CA PHE A 231 -3.29 7.05 -20.76
C PHE A 231 -3.33 6.31 -19.43
N ASP A 232 -3.60 7.05 -18.35
CA ASP A 232 -3.81 6.49 -17.01
C ASP A 232 -5.31 6.38 -16.82
N VAL A 233 -5.80 5.16 -16.61
CA VAL A 233 -7.25 4.98 -16.63
C VAL A 233 -7.96 5.70 -15.50
N ASP A 234 -7.26 6.22 -14.50
CA ASP A 234 -7.89 7.04 -13.47
C ASP A 234 -8.14 8.45 -14.02
N GLY A 235 -7.78 8.70 -15.27
CA GLY A 235 -8.15 10.03 -15.82
C GLY A 235 -9.67 10.04 -16.01
N LEU A 236 -10.22 8.90 -16.41
CA LEU A 236 -11.66 8.70 -16.51
C LEU A 236 -12.30 8.57 -15.13
N ASP A 237 -13.59 8.85 -15.03
CA ASP A 237 -14.31 8.84 -13.76
C ASP A 237 -14.34 7.45 -13.13
N PRO A 238 -14.22 7.33 -11.81
CA PRO A 238 -14.31 5.99 -11.20
C PRO A 238 -15.62 5.26 -11.55
N SER A 239 -16.67 5.93 -12.02
CA SER A 239 -17.87 5.22 -12.44
C SER A 239 -17.60 4.40 -13.70
N PHE A 240 -16.47 4.67 -14.35
CA PHE A 240 -16.08 3.94 -15.54
C PHE A 240 -14.86 3.06 -15.34
N THR A 241 -13.92 3.50 -14.53
CA THR A 241 -12.73 2.70 -14.25
C THR A 241 -12.42 2.66 -12.76
N PRO A 242 -13.31 2.03 -12.02
CA PRO A 242 -13.11 1.90 -10.57
C PRO A 242 -11.90 1.08 -10.16
N ALA A 243 -11.58 -0.01 -10.85
CA ALA A 243 -10.46 -0.84 -10.42
C ALA A 243 -9.13 -0.18 -10.77
N THR A 244 -8.74 0.78 -9.94
CA THR A 244 -7.52 1.55 -10.15
C THR A 244 -7.12 2.09 -8.77
N GLY A 245 -5.83 2.29 -8.55
CA GLY A 245 -5.19 2.56 -7.29
C GLY A 245 -5.56 3.89 -6.68
N THR A 246 -5.67 4.92 -7.51
CA THR A 246 -5.83 6.28 -6.98
C THR A 246 -6.98 6.95 -7.69
N PRO A 247 -8.23 6.51 -7.46
CA PRO A 247 -9.35 7.14 -8.17
C PRO A 247 -9.69 8.52 -7.65
N VAL A 248 -10.24 9.40 -8.50
CA VAL A 248 -10.65 10.71 -8.02
C VAL A 248 -11.98 11.11 -8.67
N VAL A 249 -12.97 11.53 -7.87
CA VAL A 249 -14.28 11.71 -8.50
C VAL A 249 -14.17 12.93 -9.44
N GLY A 250 -15.17 13.10 -10.27
CA GLY A 250 -15.32 14.19 -11.23
C GLY A 250 -14.48 14.03 -12.46
N GLY A 251 -14.28 12.82 -12.96
CA GLY A 251 -13.44 12.63 -14.12
C GLY A 251 -14.10 12.71 -15.47
N LEU A 252 -13.28 12.47 -16.49
CA LEU A 252 -13.62 12.36 -17.89
C LEU A 252 -14.67 11.27 -18.08
N THR A 253 -15.70 11.55 -18.87
CA THR A 253 -16.66 10.48 -19.11
C THR A 253 -16.09 9.42 -20.07
N TYR A 254 -16.82 8.32 -20.10
CA TYR A 254 -16.69 7.27 -21.07
C TYR A 254 -16.59 7.86 -22.49
N ARG A 255 -17.55 8.73 -22.78
CA ARG A 255 -17.67 9.42 -24.07
C ARG A 255 -16.46 10.29 -24.36
N GLU A 256 -16.11 11.13 -23.39
CA GLU A 256 -14.92 11.96 -23.47
C GLU A 256 -13.66 11.13 -23.68
N GLY A 257 -13.50 10.02 -22.97
CA GLY A 257 -12.40 9.08 -23.17
C GLY A 257 -12.30 8.56 -24.59
N LEU A 258 -13.39 8.19 -25.23
CA LEU A 258 -13.44 7.71 -26.61
C LEU A 258 -13.24 8.86 -27.60
N TYR A 259 -13.70 10.03 -27.17
CA TYR A 259 -13.56 11.19 -28.08
C TYR A 259 -12.08 11.51 -28.22
N ILE A 260 -11.43 11.57 -27.05
CA ILE A 260 -10.00 11.90 -26.97
C ILE A 260 -9.19 11.05 -27.93
N THR A 261 -9.51 9.77 -27.98
CA THR A 261 -8.66 8.79 -28.66
C THR A 261 -9.03 8.63 -30.13
N GLU A 262 -10.29 8.82 -30.45
CA GLU A 262 -10.79 8.88 -31.82
C GLU A 262 -10.11 10.04 -32.54
N GLU A 263 -10.00 11.18 -31.84
CA GLU A 263 -9.34 12.31 -32.50
C GLU A 263 -7.87 12.05 -32.69
N ILE A 264 -7.26 11.44 -31.67
CA ILE A 264 -5.85 11.15 -31.82
C ILE A 264 -5.64 10.18 -32.97
N TYR A 265 -6.51 9.16 -33.02
CA TYR A 265 -6.40 8.16 -34.07
C TYR A 265 -6.37 8.86 -35.42
N LYS A 266 -7.34 9.76 -35.55
CA LYS A 266 -7.53 10.44 -36.82
C LYS A 266 -6.35 11.31 -37.24
N THR A 267 -5.47 11.72 -36.35
CA THR A 267 -4.27 12.47 -36.73
C THR A 267 -3.41 11.66 -37.69
N GLY A 268 -3.48 10.34 -37.50
CA GLY A 268 -2.63 9.46 -38.27
C GLY A 268 -1.24 9.46 -37.67
N LEU A 269 -1.09 10.16 -36.54
CA LEU A 269 0.28 10.30 -36.04
C LEU A 269 0.50 9.56 -34.72
N LEU A 270 -0.47 8.77 -34.24
CA LEU A 270 -0.21 8.03 -33.01
C LEU A 270 1.04 7.17 -33.15
N SER A 271 2.00 7.27 -32.23
CA SER A 271 3.23 6.48 -32.43
C SER A 271 3.54 5.59 -31.23
N GLY A 272 3.08 5.99 -30.06
CA GLY A 272 3.27 5.22 -28.83
C GLY A 272 2.05 5.43 -27.95
N LEU A 273 1.59 4.33 -27.37
CA LEU A 273 0.43 4.33 -26.49
C LEU A 273 0.73 3.60 -25.18
N ASP A 274 0.23 4.17 -24.09
CA ASP A 274 0.43 3.51 -22.79
C ASP A 274 -0.97 3.28 -22.22
N ILE A 275 -1.29 2.08 -21.76
CA ILE A 275 -2.59 1.86 -21.10
C ILE A 275 -2.30 1.42 -19.67
N MET A 276 -2.52 2.30 -18.70
CA MET A 276 -1.91 2.15 -17.39
C MET A 276 -2.89 2.22 -16.20
N GLU A 277 -2.40 1.58 -15.14
CA GLU A 277 -2.95 1.68 -13.81
C GLU A 277 -4.25 0.92 -13.64
N VAL A 278 -4.59 0.01 -14.55
CA VAL A 278 -5.73 -0.87 -14.32
C VAL A 278 -5.34 -1.94 -13.27
N ASN A 279 -6.08 -2.05 -12.18
CA ASN A 279 -5.78 -2.94 -11.07
C ASN A 279 -7.03 -3.75 -10.69
N PRO A 280 -7.15 -4.95 -11.28
CA PRO A 280 -8.38 -5.73 -11.14
C PRO A 280 -8.61 -6.08 -9.68
N SER A 281 -7.52 -6.30 -8.94
CA SER A 281 -7.65 -6.68 -7.53
C SER A 281 -8.28 -5.58 -6.70
N LEU A 282 -8.44 -4.36 -7.23
CA LEU A 282 -9.07 -3.30 -6.43
C LEU A 282 -10.53 -3.09 -6.81
N GLY A 283 -11.05 -3.86 -7.77
CA GLY A 283 -12.48 -3.68 -7.98
C GLY A 283 -13.22 -4.17 -6.75
N LYS A 284 -14.33 -3.53 -6.42
CA LYS A 284 -15.04 -3.91 -5.20
C LYS A 284 -15.96 -5.11 -5.45
N THR A 285 -16.11 -5.45 -6.72
CA THR A 285 -16.96 -6.48 -7.27
C THR A 285 -16.37 -7.04 -8.57
N PRO A 286 -16.82 -8.22 -8.97
CA PRO A 286 -16.51 -8.79 -10.27
C PRO A 286 -16.87 -7.82 -11.40
N GLU A 287 -18.03 -7.18 -11.27
CA GLU A 287 -18.47 -6.27 -12.30
C GLU A 287 -17.56 -5.03 -12.36
N GLU A 288 -17.03 -4.58 -11.22
CA GLU A 288 -16.18 -3.38 -11.26
C GLU A 288 -14.92 -3.70 -12.06
N VAL A 289 -14.49 -4.95 -12.02
CA VAL A 289 -13.31 -5.39 -12.75
C VAL A 289 -13.58 -5.39 -14.25
N THR A 290 -14.65 -6.06 -14.68
CA THR A 290 -14.95 -6.12 -16.10
C THR A 290 -15.29 -4.72 -16.64
N ARG A 291 -15.88 -3.86 -15.82
CA ARG A 291 -16.24 -2.52 -16.26
C ARG A 291 -15.00 -1.74 -16.65
N THR A 292 -13.97 -1.79 -15.80
CA THR A 292 -12.68 -1.17 -15.96
C THR A 292 -11.89 -1.77 -17.12
N VAL A 293 -11.84 -3.10 -17.12
CA VAL A 293 -11.18 -3.75 -18.25
C VAL A 293 -11.88 -3.39 -19.54
N ASN A 294 -13.21 -3.51 -19.58
CA ASN A 294 -13.89 -3.28 -20.86
C ASN A 294 -13.65 -1.86 -21.37
N THR A 295 -13.58 -0.92 -20.46
CA THR A 295 -13.38 0.49 -20.80
C THR A 295 -11.98 0.68 -21.34
N ALA A 296 -11.00 0.03 -20.70
CA ALA A 296 -9.61 0.21 -21.15
C ALA A 296 -9.40 -0.40 -22.52
N VAL A 297 -10.12 -1.51 -22.71
CA VAL A 297 -10.22 -2.10 -24.04
C VAL A 297 -10.83 -1.13 -25.04
N ALA A 298 -12.01 -0.59 -24.74
CA ALA A 298 -12.66 0.35 -25.65
C ALA A 298 -11.75 1.53 -25.96
N ILE A 299 -11.11 2.11 -24.93
CA ILE A 299 -10.20 3.22 -25.23
C ILE A 299 -9.10 2.80 -26.19
N THR A 300 -8.57 1.60 -25.98
CA THR A 300 -7.46 1.07 -26.78
C THR A 300 -7.87 0.83 -28.22
N LEU A 301 -9.03 0.22 -28.44
CA LEU A 301 -9.52 0.03 -29.79
C LEU A 301 -9.73 1.36 -30.52
N ALA A 302 -10.30 2.38 -29.89
CA ALA A 302 -10.50 3.69 -30.48
C ALA A 302 -9.17 4.28 -30.97
N CYS A 303 -8.09 4.07 -30.22
CA CYS A 303 -6.78 4.52 -30.63
C CYS A 303 -6.37 3.95 -31.98
N PHE A 304 -6.99 2.87 -32.46
CA PHE A 304 -6.45 2.21 -33.64
C PHE A 304 -7.53 2.07 -34.73
N GLY A 305 -8.44 3.03 -34.75
CA GLY A 305 -9.36 3.22 -35.83
C GLY A 305 -10.79 2.87 -35.49
N LEU A 306 -11.07 2.24 -34.34
CA LEU A 306 -12.48 1.90 -34.13
C LEU A 306 -13.33 3.13 -33.89
N ALA A 307 -14.31 3.38 -34.76
CA ALA A 307 -15.04 4.63 -34.66
C ALA A 307 -16.49 4.47 -34.29
N ARG A 308 -17.04 5.30 -33.40
CA ARG A 308 -18.46 5.05 -33.08
C ARG A 308 -19.41 5.27 -34.23
N GLU A 309 -19.07 6.11 -35.22
CA GLU A 309 -20.02 6.26 -36.33
C GLU A 309 -20.05 5.03 -37.21
N GLY A 310 -19.07 4.15 -37.02
CA GLY A 310 -19.02 2.92 -37.80
C GLY A 310 -17.74 2.90 -38.63
N ASN A 311 -17.43 1.76 -39.23
CA ASN A 311 -16.25 1.56 -40.05
C ASN A 311 -16.62 0.63 -41.20
N HIS A 312 -16.06 0.74 -42.40
CA HIS A 312 -16.25 -0.30 -43.41
C HIS A 312 -15.02 -0.40 -44.30
N LYS A 313 -14.93 -1.48 -45.07
CA LYS A 313 -13.78 -1.61 -45.97
C LYS A 313 -14.04 -0.85 -47.26
N PRO A 314 -12.99 -0.47 -47.98
CA PRO A 314 -13.19 0.17 -49.30
C PRO A 314 -13.58 -0.90 -50.31
N ILE A 315 -14.81 -1.36 -50.13
CA ILE A 315 -15.40 -2.41 -50.94
C ILE A 315 -16.84 -2.02 -51.19
N ASP A 316 -17.52 -2.62 -52.17
CA ASP A 316 -18.94 -2.23 -52.34
C ASP A 316 -19.83 -3.16 -51.54
N TYR A 317 -20.47 -2.67 -50.47
CA TYR A 317 -21.25 -3.50 -49.57
C TYR A 317 -22.65 -3.79 -50.08
N LEU A 318 -23.12 -3.04 -51.09
CA LEU A 318 -24.40 -3.38 -51.74
C LEU A 318 -24.03 -4.35 -52.89
N ASN A 319 -23.21 -5.35 -52.56
CA ASN A 319 -22.29 -6.26 -53.18
C ASN A 319 -21.87 -5.88 -54.60
N ARG B 6 6.87 10.18 31.22
CA ARG B 6 6.39 9.03 30.45
C ARG B 6 5.59 8.13 31.40
N THR B 7 4.30 8.42 31.31
CA THR B 7 3.29 7.90 32.21
C THR B 7 2.50 6.79 31.56
N ILE B 8 2.14 5.83 32.41
CA ILE B 8 1.62 4.58 31.90
C ILE B 8 0.30 4.25 32.58
N GLY B 9 -0.60 3.68 31.81
CA GLY B 9 -1.87 3.18 32.33
C GLY B 9 -2.01 1.70 32.01
N ILE B 10 -1.76 0.87 33.03
CA ILE B 10 -1.82 -0.58 32.88
C ILE B 10 -3.27 -1.06 32.81
N ILE B 11 -3.52 -2.03 31.93
CA ILE B 11 -4.85 -2.66 31.87
C ILE B 11 -4.67 -4.17 31.72
N GLY B 12 -5.37 -4.87 32.59
CA GLY B 12 -5.42 -6.34 32.60
C GLY B 12 -6.55 -6.73 31.67
N ALA B 13 -6.24 -7.58 30.70
CA ALA B 13 -7.26 -8.06 29.78
C ALA B 13 -7.24 -9.58 29.79
N PRO B 14 -7.70 -10.15 30.91
CA PRO B 14 -7.56 -11.59 31.10
C PRO B 14 -8.54 -12.39 30.25
N PHE B 15 -8.43 -12.32 28.94
CA PHE B 15 -9.39 -12.93 28.01
C PHE B 15 -8.80 -13.97 27.08
N SER B 16 -9.55 -15.02 26.72
CA SER B 16 -8.93 -16.13 26.01
C SER B 16 -9.72 -16.69 24.83
N LYS B 17 -11.01 -16.42 24.83
CA LYS B 17 -12.01 -16.90 23.91
C LYS B 17 -11.75 -16.56 22.45
N GLY B 18 -10.80 -15.67 22.16
CA GLY B 18 -10.39 -15.48 20.78
C GLY B 18 -9.70 -16.70 20.22
N GLN B 19 -9.30 -17.63 21.10
CA GLN B 19 -8.72 -18.85 20.54
C GLN B 19 -9.06 -20.02 21.45
N PRO B 20 -8.71 -21.25 21.14
CA PRO B 20 -9.16 -22.39 21.98
C PRO B 20 -8.41 -22.62 23.28
N ARG B 21 -7.15 -22.23 23.41
CA ARG B 21 -6.45 -22.65 24.65
C ARG B 21 -6.63 -21.66 25.78
N GLY B 22 -7.07 -22.22 26.91
CA GLY B 22 -7.42 -21.43 28.06
C GLY B 22 -6.34 -20.71 28.80
N GLY B 23 -5.10 -21.17 28.94
CA GLY B 23 -4.26 -20.42 29.84
C GLY B 23 -3.88 -18.98 29.56
N VAL B 24 -4.07 -18.46 28.34
CA VAL B 24 -3.75 -17.08 27.96
C VAL B 24 -4.41 -16.10 28.90
N GLU B 25 -5.53 -16.48 29.52
CA GLU B 25 -6.10 -15.62 30.55
C GLU B 25 -5.17 -15.42 31.74
N GLU B 26 -4.11 -16.20 31.88
CA GLU B 26 -3.32 -16.02 33.11
C GLU B 26 -2.18 -15.03 32.91
N GLY B 27 -2.10 -14.44 31.73
CA GLY B 27 -1.13 -13.45 31.33
C GLY B 27 -1.03 -12.24 32.23
N PRO B 28 -2.12 -11.53 32.48
CA PRO B 28 -2.08 -10.37 33.37
C PRO B 28 -1.47 -10.69 34.73
N THR B 29 -1.90 -11.84 35.24
CA THR B 29 -1.52 -12.24 36.61
C THR B 29 -0.04 -12.55 36.71
N VAL B 30 0.45 -13.41 35.83
CA VAL B 30 1.87 -13.78 35.93
C VAL B 30 2.79 -12.63 35.59
N LEU B 31 2.38 -11.82 34.61
CA LEU B 31 3.21 -10.65 34.27
C LEU B 31 3.40 -9.77 35.50
N ARG B 32 2.28 -9.60 36.19
CA ARG B 32 2.22 -8.82 37.42
C ARG B 32 3.04 -9.51 38.50
N LYS B 33 2.84 -10.82 38.68
CA LYS B 33 3.58 -11.53 39.71
C LYS B 33 5.08 -11.59 39.43
N ALA B 34 5.50 -11.25 38.21
CA ALA B 34 6.95 -11.27 37.96
C ALA B 34 7.56 -9.91 38.30
N GLY B 35 6.72 -8.99 38.74
CA GLY B 35 7.11 -7.69 39.25
C GLY B 35 7.15 -6.63 38.18
N LEU B 36 6.26 -6.74 37.19
CA LEU B 36 6.23 -5.76 36.13
C LEU B 36 6.00 -4.33 36.64
N LEU B 37 4.94 -4.10 37.40
CA LEU B 37 4.64 -2.74 37.84
C LEU B 37 5.75 -2.11 38.66
N GLU B 38 6.34 -2.86 39.60
CA GLU B 38 7.36 -2.17 40.40
C GLU B 38 8.58 -1.86 39.55
N LYS B 39 8.85 -2.73 38.58
CA LYS B 39 10.10 -2.60 37.82
C LYS B 39 10.04 -1.33 36.98
N LEU B 40 8.86 -1.05 36.48
CA LEU B 40 8.49 0.20 35.84
C LEU B 40 8.70 1.40 36.75
N LYS B 41 8.31 1.30 38.01
CA LYS B 41 8.52 2.37 38.97
C LYS B 41 9.99 2.58 39.30
N GLU B 42 10.82 1.53 39.41
CA GLU B 42 12.23 1.84 39.66
C GLU B 42 12.85 2.40 38.38
N GLN B 43 12.19 2.13 37.26
CA GLN B 43 12.57 2.76 36.00
C GLN B 43 12.49 4.27 36.16
N GLU B 44 11.74 4.92 35.29
CA GLU B 44 11.50 6.36 35.46
C GLU B 44 10.01 6.63 35.74
N CYS B 45 9.19 5.61 35.54
CA CYS B 45 7.82 5.64 35.15
C CYS B 45 6.80 6.03 36.22
N ASP B 46 5.85 6.88 35.83
CA ASP B 46 4.61 7.12 36.55
C ASP B 46 3.55 6.12 36.05
N VAL B 47 3.33 5.11 36.87
CA VAL B 47 2.43 4.00 36.69
C VAL B 47 1.08 4.19 37.38
N LYS B 48 -0.01 3.85 36.71
CA LYS B 48 -1.34 3.77 37.30
C LYS B 48 -2.04 2.46 36.93
N ASP B 49 -2.12 1.53 37.88
CA ASP B 49 -2.79 0.26 37.55
C ASP B 49 -4.31 0.46 37.55
N TYR B 50 -4.92 0.27 36.39
CA TYR B 50 -6.36 0.40 36.28
C TYR B 50 -7.07 -0.95 36.48
N GLY B 51 -6.38 -1.89 37.11
CA GLY B 51 -6.85 -3.22 37.39
C GLY B 51 -7.06 -4.06 36.15
N ASP B 52 -7.60 -5.25 36.36
CA ASP B 52 -7.92 -6.23 35.35
C ASP B 52 -9.34 -6.04 34.84
N LEU B 53 -9.59 -6.24 33.55
CA LEU B 53 -10.98 -6.09 33.12
C LEU B 53 -11.80 -7.31 33.52
N PRO B 54 -13.04 -7.04 33.90
CA PRO B 54 -14.02 -8.07 34.24
C PRO B 54 -14.95 -8.38 33.07
N PHE B 55 -14.64 -9.42 32.35
CA PHE B 55 -15.34 -10.06 31.25
C PHE B 55 -16.31 -11.13 31.74
N ALA B 56 -17.60 -10.96 31.45
CA ALA B 56 -18.64 -11.86 31.91
C ALA B 56 -18.80 -13.08 31.04
N ASP B 57 -19.14 -14.25 31.61
CA ASP B 57 -19.37 -15.32 30.62
C ASP B 57 -20.65 -14.99 29.84
N ILE B 58 -20.61 -15.23 28.55
CA ILE B 58 -21.77 -15.14 27.67
C ILE B 58 -22.24 -16.55 27.32
N PRO B 59 -23.12 -17.06 28.18
CA PRO B 59 -23.61 -18.44 28.14
C PRO B 59 -23.99 -18.85 26.72
N ASN B 60 -24.61 -17.88 26.05
CA ASN B 60 -25.14 -18.03 24.72
C ASN B 60 -24.23 -17.36 23.69
N ASP B 61 -23.16 -18.04 23.28
CA ASP B 61 -22.30 -17.49 22.24
C ASP B 61 -22.18 -18.42 21.03
N SER B 62 -23.28 -18.60 20.31
CA SER B 62 -23.30 -19.44 19.13
C SER B 62 -22.27 -18.98 18.12
N PRO B 63 -21.77 -19.86 17.26
CA PRO B 63 -20.78 -19.42 16.29
C PRO B 63 -21.46 -18.65 15.15
N PHE B 64 -20.77 -17.60 14.71
CA PHE B 64 -21.13 -16.92 13.47
C PHE B 64 -20.42 -17.66 12.34
N GLN B 65 -21.21 -18.38 11.54
CA GLN B 65 -20.59 -19.18 10.48
C GLN B 65 -19.58 -20.15 11.10
N ILE B 66 -18.31 -19.99 10.73
CA ILE B 66 -17.27 -20.79 11.36
C ILE B 66 -16.56 -20.02 12.47
N VAL B 67 -17.09 -18.86 12.83
CA VAL B 67 -16.47 -17.94 13.78
C VAL B 67 -16.88 -18.19 15.22
N LYS B 68 -15.96 -18.69 16.03
CA LYS B 68 -16.28 -19.02 17.41
C LYS B 68 -16.41 -17.78 18.28
N ASN B 69 -17.24 -17.92 19.30
CA ASN B 69 -17.41 -16.98 20.39
C ASN B 69 -17.41 -15.52 19.94
N PRO B 70 -18.22 -15.15 18.98
CA PRO B 70 -18.20 -13.75 18.52
C PRO B 70 -18.51 -12.79 19.66
N ARG B 71 -19.71 -12.95 20.21
CA ARG B 71 -20.20 -11.99 21.19
C ARG B 71 -19.25 -11.84 22.36
N SER B 72 -18.54 -12.93 22.67
CA SER B 72 -17.66 -12.87 23.83
C SER B 72 -16.47 -11.98 23.48
N VAL B 73 -15.93 -12.27 22.30
CA VAL B 73 -14.78 -11.55 21.79
C VAL B 73 -15.13 -10.12 21.41
N GLY B 74 -16.31 -9.95 20.81
CA GLY B 74 -16.71 -8.62 20.42
C GLY B 74 -16.93 -7.72 21.62
N LYS B 75 -17.42 -8.31 22.71
CA LYS B 75 -17.73 -7.54 23.92
C LYS B 75 -16.52 -7.22 24.77
N ALA B 76 -15.58 -8.15 24.85
CA ALA B 76 -14.40 -7.83 25.66
C ALA B 76 -13.55 -6.76 24.97
N SER B 77 -13.66 -6.68 23.65
CA SER B 77 -12.88 -5.68 22.90
C SER B 77 -13.54 -4.32 23.05
N GLU B 78 -14.88 -4.36 23.02
CA GLU B 78 -15.70 -3.17 23.13
C GLU B 78 -15.40 -2.45 24.43
N GLN B 79 -15.33 -3.30 25.43
CA GLN B 79 -15.14 -2.99 26.83
C GLN B 79 -13.71 -2.51 27.08
N LEU B 80 -12.78 -3.24 26.49
CA LEU B 80 -11.36 -2.93 26.61
C LEU B 80 -11.08 -1.62 25.90
N ALA B 81 -11.84 -1.33 24.84
CA ALA B 81 -11.63 -0.07 24.13
C ALA B 81 -12.13 1.13 24.92
N GLY B 82 -13.22 0.91 25.68
CA GLY B 82 -13.72 2.05 26.46
C GLY B 82 -12.64 2.44 27.46
N LYS B 83 -12.06 1.42 28.08
CA LYS B 83 -11.04 1.67 29.10
C LYS B 83 -9.80 2.31 28.49
N VAL B 84 -9.43 1.89 27.28
CA VAL B 84 -8.20 2.50 26.73
C VAL B 84 -8.40 3.98 26.45
N ALA B 85 -9.57 4.35 25.92
CA ALA B 85 -9.74 5.77 25.63
C ALA B 85 -9.69 6.57 26.94
N GLU B 86 -10.11 5.89 27.99
CA GLU B 86 -10.13 6.42 29.35
C GLU B 86 -8.74 6.79 29.82
N VAL B 87 -7.85 5.79 29.85
CA VAL B 87 -6.47 6.00 30.23
C VAL B 87 -5.76 6.96 29.27
N LYS B 88 -6.07 6.84 27.98
CA LYS B 88 -5.49 7.81 27.04
C LYS B 88 -5.93 9.19 27.54
N LYS B 89 -7.22 9.44 27.59
CA LYS B 89 -7.75 10.74 28.04
C LYS B 89 -7.07 11.23 29.31
N ASN B 90 -6.70 10.32 30.20
CA ASN B 90 -5.96 10.65 31.41
C ASN B 90 -4.49 10.98 31.15
N GLY B 91 -4.11 11.18 29.89
CA GLY B 91 -2.73 11.42 29.50
C GLY B 91 -1.76 10.32 29.80
N ARG B 92 -2.13 9.04 29.61
CA ARG B 92 -1.10 8.03 29.89
C ARG B 92 -0.99 7.10 28.68
N ILE B 93 0.09 6.33 28.65
CA ILE B 93 0.27 5.34 27.58
C ILE B 93 -0.47 4.07 27.99
N SER B 94 -1.32 3.50 27.15
CA SER B 94 -2.06 2.30 27.55
C SER B 94 -1.22 1.03 27.38
N LEU B 95 -1.17 0.27 28.46
CA LEU B 95 -0.38 -0.96 28.52
C LEU B 95 -1.33 -2.13 28.76
N VAL B 96 -1.76 -2.80 27.71
CA VAL B 96 -2.71 -3.91 27.86
C VAL B 96 -1.94 -5.22 28.03
N LEU B 97 -2.24 -5.95 29.11
CA LEU B 97 -1.66 -7.28 29.31
C LEU B 97 -2.64 -8.38 28.92
N GLY B 98 -2.56 -8.88 27.70
CA GLY B 98 -3.50 -9.91 27.23
C GLY B 98 -3.22 -11.21 27.96
N GLY B 99 -4.02 -12.26 27.74
CA GLY B 99 -5.11 -12.27 26.81
C GLY B 99 -4.68 -12.53 25.38
N ASP B 100 -5.59 -13.08 24.57
CA ASP B 100 -5.29 -13.34 23.17
C ASP B 100 -5.36 -12.06 22.33
N HIS B 101 -4.68 -12.11 21.18
CA HIS B 101 -4.54 -10.95 20.31
C HIS B 101 -5.86 -10.45 19.75
N SER B 102 -6.97 -11.17 19.85
CA SER B 102 -8.25 -10.65 19.42
C SER B 102 -8.59 -9.32 20.07
N LEU B 103 -8.07 -9.14 21.27
CA LEU B 103 -8.29 -7.93 22.05
C LEU B 103 -7.70 -6.71 21.33
N ALA B 104 -6.82 -6.91 20.35
CA ALA B 104 -6.27 -5.75 19.66
C ALA B 104 -7.37 -4.93 19.00
N ILE B 105 -8.51 -5.54 18.69
CA ILE B 105 -9.62 -4.74 18.16
C ILE B 105 -9.97 -3.64 19.16
N GLY B 106 -10.19 -4.00 20.43
CA GLY B 106 -10.52 -2.99 21.41
C GLY B 106 -9.36 -2.06 21.72
N SER B 107 -8.15 -2.58 21.80
CA SER B 107 -6.99 -1.78 22.22
C SER B 107 -6.76 -0.63 21.24
N ILE B 108 -6.65 -0.99 19.96
CA ILE B 108 -6.49 -0.06 18.86
C ILE B 108 -7.71 0.82 18.64
N SER B 109 -8.95 0.30 18.70
CA SER B 109 -10.08 1.21 18.45
C SER B 109 -10.23 2.25 19.54
N GLY B 110 -10.07 1.84 20.80
CA GLY B 110 -10.16 2.77 21.92
C GLY B 110 -9.06 3.81 21.87
N HIS B 111 -7.88 3.40 21.44
CA HIS B 111 -6.74 4.30 21.27
C HIS B 111 -7.04 5.36 20.20
N ALA B 112 -7.44 4.87 19.03
CA ALA B 112 -7.74 5.71 17.87
C ALA B 112 -8.91 6.65 18.16
N ARG B 113 -9.68 6.36 19.21
CA ARG B 113 -10.72 7.25 19.70
C ARG B 113 -10.12 8.53 20.29
N VAL B 114 -8.89 8.48 20.81
CA VAL B 114 -8.35 9.75 21.28
C VAL B 114 -7.25 10.23 20.34
N HIS B 115 -6.68 9.30 19.57
CA HIS B 115 -5.64 9.60 18.62
C HIS B 115 -5.90 8.89 17.29
N PRO B 116 -6.81 9.43 16.48
CA PRO B 116 -7.13 8.84 15.20
C PRO B 116 -5.94 8.82 14.24
N ASP B 117 -4.88 9.55 14.56
CA ASP B 117 -3.74 9.63 13.64
C ASP B 117 -2.68 8.57 13.96
N LEU B 118 -2.99 7.64 14.87
CA LEU B 118 -1.98 6.69 15.31
C LEU B 118 -1.54 5.83 14.13
N GLY B 119 -0.27 5.46 14.13
CA GLY B 119 0.27 4.45 13.23
C GLY B 119 0.53 3.18 14.04
N VAL B 120 0.48 2.01 13.39
CA VAL B 120 0.60 0.76 14.11
C VAL B 120 1.79 -0.08 13.66
N ILE B 121 2.50 -0.59 14.66
CA ILE B 121 3.57 -1.56 14.48
C ILE B 121 3.11 -2.89 15.07
N TRP B 122 3.10 -3.92 14.23
CA TRP B 122 2.54 -5.22 14.60
C TRP B 122 3.64 -6.28 14.56
N VAL B 123 4.09 -6.65 15.75
CA VAL B 123 5.14 -7.65 15.92
C VAL B 123 4.49 -9.02 16.16
N ASP B 124 4.75 -9.93 15.23
CA ASP B 124 3.96 -11.16 15.21
C ASP B 124 4.47 -12.11 14.16
N ALA B 125 4.43 -13.41 14.42
CA ALA B 125 4.75 -14.34 13.36
C ALA B 125 3.62 -14.41 12.35
N HIS B 126 2.45 -13.91 12.76
CA HIS B 126 1.25 -13.96 11.95
C HIS B 126 0.74 -12.59 11.54
N THR B 127 0.02 -12.53 10.42
CA THR B 127 -0.61 -11.24 10.09
C THR B 127 -1.88 -10.93 10.85
N ASP B 128 -2.62 -11.94 11.32
CA ASP B 128 -3.86 -11.71 12.07
C ASP B 128 -4.86 -10.87 11.30
N ILE B 129 -4.88 -11.06 9.97
CA ILE B 129 -5.76 -10.25 9.13
C ILE B 129 -6.74 -11.13 8.36
N ASN B 130 -6.93 -12.36 8.87
CA ASN B 130 -7.98 -13.16 8.24
C ASN B 130 -9.31 -12.44 8.45
N THR B 131 -10.28 -12.65 7.55
CA THR B 131 -11.61 -12.11 7.85
C THR B 131 -12.54 -13.23 8.28
N PRO B 132 -13.71 -12.86 8.79
CA PRO B 132 -14.74 -13.86 9.06
C PRO B 132 -14.99 -14.84 7.92
N LEU B 133 -14.77 -14.43 6.68
CA LEU B 133 -14.98 -15.28 5.52
C LEU B 133 -13.71 -15.85 4.93
N THR B 134 -12.53 -15.58 5.51
CA THR B 134 -11.32 -16.17 4.96
C THR B 134 -10.66 -17.13 5.95
N THR B 135 -10.91 -16.90 7.23
CA THR B 135 -10.33 -17.72 8.29
C THR B 135 -10.49 -19.20 7.99
N THR B 136 -9.55 -20.02 8.47
CA THR B 136 -9.78 -21.46 8.28
C THR B 136 -10.13 -22.09 9.62
N SER B 137 -9.54 -21.60 10.69
CA SER B 137 -9.83 -22.11 12.02
C SER B 137 -11.10 -21.51 12.63
N GLY B 138 -11.38 -20.24 12.37
CA GLY B 138 -12.44 -19.52 13.03
C GLY B 138 -11.98 -18.92 14.35
N ASN B 139 -10.68 -18.93 14.62
CA ASN B 139 -10.26 -18.29 15.89
C ASN B 139 -10.15 -16.79 15.65
N LEU B 140 -10.82 -15.98 16.49
CA LEU B 140 -10.82 -14.54 16.18
C LEU B 140 -9.48 -13.86 16.44
N HIS B 141 -8.56 -14.51 17.15
CA HIS B 141 -7.25 -13.93 17.44
C HIS B 141 -6.37 -13.86 16.19
N GLY B 142 -6.88 -14.37 15.07
CA GLY B 142 -6.25 -14.41 13.78
C GLY B 142 -6.99 -13.56 12.75
N GLN B 143 -7.88 -12.69 13.25
CA GLN B 143 -8.63 -11.72 12.51
C GLN B 143 -8.59 -10.29 13.03
N PRO B 144 -7.86 -9.86 14.06
CA PRO B 144 -8.12 -8.49 14.53
C PRO B 144 -7.85 -7.43 13.46
N VAL B 145 -6.86 -7.64 12.60
CA VAL B 145 -6.51 -6.51 11.73
C VAL B 145 -7.60 -6.27 10.69
N SER B 146 -8.27 -7.35 10.27
CA SER B 146 -9.32 -7.21 9.25
C SER B 146 -10.42 -6.31 9.77
N PHE B 147 -10.84 -6.53 11.01
CA PHE B 147 -11.87 -5.69 11.62
C PHE B 147 -11.43 -4.24 11.73
N LEU B 148 -10.11 -4.00 11.78
CA LEU B 148 -9.60 -2.66 12.00
C LEU B 148 -9.42 -1.85 10.71
N LEU B 149 -9.16 -2.55 9.62
CA LEU B 149 -8.73 -1.88 8.40
C LEU B 149 -9.85 -1.26 7.58
N LYS B 150 -9.73 0.03 7.30
CA LYS B 150 -10.74 0.74 6.50
C LYS B 150 -11.00 0.04 5.17
N GLU B 151 -9.95 -0.25 4.43
CA GLU B 151 -10.02 -0.85 3.11
C GLU B 151 -10.66 -2.21 3.08
N LEU B 152 -10.92 -2.82 4.25
CA LEU B 152 -11.48 -4.18 4.16
C LEU B 152 -12.97 -4.18 4.54
N LYS B 153 -13.45 -2.97 4.86
CA LYS B 153 -14.84 -2.73 5.18
C LYS B 153 -15.72 -3.09 3.99
N GLY B 154 -16.77 -3.87 4.22
CA GLY B 154 -17.57 -4.32 3.07
C GLY B 154 -17.12 -5.73 2.70
N LYS B 155 -16.03 -6.12 3.36
CA LYS B 155 -15.50 -7.47 3.23
C LYS B 155 -15.79 -8.25 4.52
N ILE B 156 -16.04 -7.49 5.56
CA ILE B 156 -16.39 -7.96 6.90
C ILE B 156 -17.90 -8.18 7.01
N PRO B 157 -18.35 -9.40 7.20
CA PRO B 157 -19.80 -9.62 7.39
C PRO B 157 -20.26 -9.06 8.73
N ASP B 158 -21.54 -8.71 8.84
CA ASP B 158 -22.14 -8.20 10.05
C ASP B 158 -22.08 -9.26 11.14
N VAL B 159 -21.07 -9.22 11.98
CA VAL B 159 -20.83 -10.26 12.97
C VAL B 159 -21.28 -9.91 14.37
N PRO B 160 -22.04 -10.79 15.02
CA PRO B 160 -22.61 -10.42 16.33
C PRO B 160 -21.48 -10.21 17.35
N GLY B 161 -21.60 -9.13 18.11
CA GLY B 161 -20.61 -8.72 19.08
C GLY B 161 -19.85 -7.48 18.61
N PHE B 162 -19.77 -7.26 17.30
CA PHE B 162 -18.89 -6.21 16.82
C PHE B 162 -19.59 -5.07 16.12
N SER B 163 -20.85 -4.77 16.41
CA SER B 163 -21.47 -3.73 15.59
C SER B 163 -21.02 -2.36 16.09
N TRP B 164 -20.33 -2.38 17.24
CA TRP B 164 -19.74 -1.18 17.80
C TRP B 164 -18.52 -0.78 16.98
N VAL B 165 -18.06 -1.67 16.13
CA VAL B 165 -16.77 -1.47 15.46
C VAL B 165 -16.89 -0.61 14.21
N THR B 166 -15.97 0.35 14.14
CA THR B 166 -15.72 1.13 12.94
C THR B 166 -14.20 1.08 12.66
N PRO B 167 -13.92 0.52 11.50
CA PRO B 167 -12.55 0.34 11.01
C PRO B 167 -11.78 1.64 11.21
N CYS B 168 -10.65 1.61 11.93
CA CYS B 168 -10.09 2.86 12.41
C CYS B 168 -8.65 3.06 11.95
N ILE B 169 -8.18 2.24 11.01
CA ILE B 169 -6.84 2.49 10.50
C ILE B 169 -6.72 2.12 9.03
N SER B 170 -5.96 2.96 8.33
CA SER B 170 -5.73 2.69 6.92
C SER B 170 -4.52 1.79 6.70
N ALA B 171 -4.56 1.07 5.59
CA ALA B 171 -3.52 0.13 5.17
C ALA B 171 -2.14 0.75 5.22
N LYS B 172 -2.11 2.06 4.95
CA LYS B 172 -0.84 2.76 4.87
C LYS B 172 -0.28 3.06 6.24
N ASP B 173 -1.03 2.85 7.33
CA ASP B 173 -0.55 3.25 8.64
C ASP B 173 -0.18 2.10 9.59
N ILE B 174 0.23 0.98 9.02
CA ILE B 174 0.58 -0.18 9.81
C ILE B 174 1.82 -0.86 9.23
N VAL B 175 2.68 -1.29 10.17
CA VAL B 175 3.85 -2.03 9.76
C VAL B 175 3.90 -3.38 10.52
N TYR B 176 4.09 -4.43 9.74
CA TYR B 176 4.33 -5.76 10.29
C TYR B 176 5.84 -6.03 10.38
N ILE B 177 6.26 -6.67 11.45
CA ILE B 177 7.61 -7.13 11.69
C ILE B 177 7.60 -8.57 12.23
N GLY B 178 8.34 -9.49 11.62
CA GLY B 178 8.41 -10.84 12.13
C GLY B 178 7.66 -11.93 11.42
N LEU B 179 6.83 -11.63 10.44
CA LEU B 179 5.95 -12.58 9.79
C LEU B 179 6.64 -13.84 9.31
N ARG B 180 5.99 -15.01 9.53
CA ARG B 180 6.63 -16.21 8.99
C ARG B 180 5.62 -17.36 8.91
N ASP B 181 4.36 -17.08 9.21
CA ASP B 181 3.28 -18.03 9.02
C ASP B 181 2.00 -17.29 8.58
N VAL B 182 1.98 -16.98 7.29
CA VAL B 182 0.95 -16.16 6.66
C VAL B 182 0.06 -17.01 5.78
N ASP B 183 -1.27 -16.92 5.92
CA ASP B 183 -2.17 -17.75 5.11
C ASP B 183 -2.29 -17.28 3.67
N PRO B 184 -2.62 -18.08 2.66
CA PRO B 184 -2.69 -17.59 1.27
C PRO B 184 -3.59 -16.38 1.10
N GLY B 185 -4.76 -16.34 1.75
CA GLY B 185 -5.69 -15.23 1.66
C GLY B 185 -5.16 -13.99 2.35
N GLU B 186 -4.47 -14.28 3.46
CA GLU B 186 -3.85 -13.22 4.22
C GLU B 186 -2.74 -12.55 3.41
N HIS B 187 -2.07 -13.34 2.59
CA HIS B 187 -0.98 -12.88 1.74
C HIS B 187 -1.54 -12.03 0.59
N TYR B 188 -2.59 -12.51 -0.06
CA TYR B 188 -3.27 -11.77 -1.11
C TYR B 188 -3.68 -10.39 -0.61
N ILE B 189 -4.13 -10.32 0.64
CA ILE B 189 -4.51 -9.03 1.22
C ILE B 189 -3.31 -8.14 1.50
N LEU B 190 -2.23 -8.70 2.06
CA LEU B 190 -1.02 -7.95 2.33
C LEU B 190 -0.58 -7.21 1.06
N LYS B 191 -0.38 -8.02 0.04
CA LYS B 191 0.06 -7.68 -1.30
C LYS B 191 -0.92 -6.76 -2.01
N THR B 192 -2.21 -7.03 -1.88
CA THR B 192 -3.15 -6.23 -2.67
C THR B 192 -3.33 -4.85 -2.09
N LEU B 193 -3.45 -4.75 -0.76
CA LEU B 193 -3.65 -3.46 -0.12
C LEU B 193 -2.32 -2.71 0.03
N GLY B 194 -1.26 -3.46 -0.20
CA GLY B 194 0.09 -2.93 -0.06
C GLY B 194 0.47 -2.54 1.34
N ILE B 195 0.08 -3.32 2.36
CA ILE B 195 0.47 -3.07 3.74
C ILE B 195 1.95 -3.38 3.93
N LYS B 196 2.68 -2.44 4.51
CA LYS B 196 4.12 -2.59 4.69
C LYS B 196 4.45 -3.73 5.64
N TYR B 197 5.37 -4.58 5.23
CA TYR B 197 5.80 -5.64 6.15
C TYR B 197 7.31 -5.84 6.03
N PHE B 198 7.85 -6.35 7.13
CA PHE B 198 9.17 -6.92 7.27
C PHE B 198 9.01 -8.35 7.82
N SER B 199 8.82 -9.29 6.91
CA SER B 199 8.75 -10.70 7.30
C SER B 199 10.15 -11.13 7.74
N MET B 200 10.30 -12.32 8.33
CA MET B 200 11.61 -12.74 8.77
C MET B 200 12.66 -12.68 7.66
N THR B 201 12.25 -12.90 6.42
CA THR B 201 13.11 -12.81 5.23
C THR B 201 13.81 -11.47 5.14
N GLU B 202 13.08 -10.37 5.24
CA GLU B 202 13.57 -9.00 5.23
C GLU B 202 14.47 -8.69 6.43
N VAL B 203 14.05 -9.14 7.61
CA VAL B 203 14.84 -9.05 8.83
C VAL B 203 16.21 -9.68 8.63
N ASP B 204 16.23 -10.86 7.99
CA ASP B 204 17.47 -11.52 7.62
C ASP B 204 18.30 -10.71 6.62
N ARG B 205 17.56 -10.18 5.64
CA ARG B 205 18.22 -9.44 4.56
C ARG B 205 18.83 -8.14 5.08
N LEU B 206 17.99 -7.37 5.76
CA LEU B 206 18.39 -6.02 6.12
C LEU B 206 19.12 -5.92 7.46
N GLY B 207 18.86 -6.83 8.38
CA GLY B 207 19.35 -6.77 9.75
C GLY B 207 18.35 -5.94 10.53
N ILE B 208 18.22 -6.11 11.85
CA ILE B 208 17.07 -5.48 12.51
C ILE B 208 17.29 -3.99 12.64
N GLY B 209 18.56 -3.58 12.60
CA GLY B 209 18.81 -2.13 12.62
C GLY B 209 18.15 -1.41 11.46
N LYS B 210 18.35 -1.90 10.23
CA LYS B 210 17.77 -1.21 9.07
C LYS B 210 16.27 -1.42 9.05
N VAL B 211 15.82 -2.53 9.64
CA VAL B 211 14.38 -2.76 9.66
C VAL B 211 13.67 -1.70 10.48
N MET B 212 14.31 -1.23 11.55
CA MET B 212 13.64 -0.27 12.44
C MET B 212 13.68 1.14 11.87
N GLU B 213 14.81 1.44 11.27
CA GLU B 213 15.02 2.71 10.58
C GLU B 213 13.98 2.85 9.48
N GLU B 214 13.83 1.78 8.70
CA GLU B 214 12.85 1.79 7.61
C GLU B 214 11.42 1.73 8.13
N THR B 215 11.16 0.92 9.16
CA THR B 215 9.81 1.01 9.75
C THR B 215 9.46 2.41 10.24
N LEU B 216 10.36 3.02 11.00
CA LEU B 216 9.99 4.28 11.67
C LEU B 216 9.91 5.43 10.67
N SER B 217 10.78 5.36 9.66
CA SER B 217 10.71 6.37 8.61
C SER B 217 9.41 6.18 7.83
N TYR B 218 9.01 4.95 7.56
CA TYR B 218 7.77 4.75 6.81
C TYR B 218 6.58 5.21 7.65
N LEU B 219 6.62 5.04 8.97
CA LEU B 219 5.52 5.50 9.79
C LEU B 219 5.56 6.95 10.21
N LEU B 220 6.76 7.50 10.39
CA LEU B 220 6.84 8.84 10.98
C LEU B 220 7.41 9.89 10.03
N GLY B 221 7.67 9.49 8.80
CA GLY B 221 8.09 10.38 7.73
C GLY B 221 7.26 11.68 7.81
N ARG B 222 6.29 11.80 6.94
CA ARG B 222 5.32 12.87 6.76
C ARG B 222 5.18 13.73 8.01
N LYS B 223 4.76 13.08 9.10
CA LYS B 223 4.65 13.73 10.39
C LYS B 223 4.76 12.74 11.55
N LYS B 224 5.28 13.26 12.64
CA LYS B 224 5.22 12.58 13.94
C LYS B 224 3.76 12.24 14.21
N ARG B 225 3.48 11.10 14.82
CA ARG B 225 2.10 10.81 15.23
C ARG B 225 2.16 9.69 16.29
N PRO B 226 1.12 9.49 17.06
CA PRO B 226 1.17 8.48 18.13
C PRO B 226 1.44 7.11 17.55
N ILE B 227 2.16 6.29 18.32
CA ILE B 227 2.42 4.92 17.88
C ILE B 227 1.82 3.89 18.83
N HIS B 228 1.17 2.91 18.20
CA HIS B 228 0.59 1.75 18.84
C HIS B 228 1.41 0.50 18.49
N LEU B 229 2.17 0.00 19.45
CA LEU B 229 2.91 -1.24 19.29
C LEU B 229 2.05 -2.39 19.80
N SER B 230 1.63 -3.26 18.89
CA SER B 230 0.93 -4.47 19.32
C SER B 230 1.93 -5.63 19.30
N PHE B 231 2.32 -6.14 20.46
CA PHE B 231 3.34 -7.19 20.40
C PHE B 231 2.78 -8.57 20.74
N ASP B 232 2.84 -9.50 19.81
CA ASP B 232 2.52 -10.91 20.06
C ASP B 232 3.84 -11.60 20.40
N VAL B 233 4.02 -12.11 21.63
CA VAL B 233 5.26 -12.77 22.00
C VAL B 233 5.60 -13.88 21.03
N ASP B 234 4.65 -14.47 20.29
CA ASP B 234 5.00 -15.51 19.30
C ASP B 234 5.77 -14.93 18.10
N GLY B 235 5.97 -13.62 18.08
CA GLY B 235 6.82 -13.03 17.05
C GLY B 235 8.27 -13.42 17.32
N LEU B 236 8.61 -13.58 18.60
CA LEU B 236 9.94 -14.00 19.02
C LEU B 236 10.04 -15.54 18.98
N ASP B 237 11.28 -15.99 18.80
CA ASP B 237 11.52 -17.41 18.53
C ASP B 237 11.07 -18.20 19.77
N PRO B 238 10.42 -19.34 19.61
CA PRO B 238 9.95 -20.11 20.78
C PRO B 238 11.07 -20.56 21.71
N SER B 239 12.33 -20.36 21.38
CA SER B 239 13.46 -20.60 22.27
C SER B 239 13.54 -19.46 23.28
N PHE B 240 12.73 -18.42 23.03
CA PHE B 240 12.67 -17.33 24.02
C PHE B 240 11.30 -17.20 24.67
N THR B 241 10.25 -17.48 23.90
CA THR B 241 8.88 -17.38 24.38
C THR B 241 8.13 -18.65 23.99
N PRO B 242 8.53 -19.80 24.53
CA PRO B 242 7.82 -21.03 24.18
C PRO B 242 6.37 -21.07 24.69
N ALA B 243 6.09 -20.52 25.86
CA ALA B 243 4.79 -20.55 26.47
C ALA B 243 3.76 -19.67 25.77
N THR B 244 3.38 -20.08 24.56
CA THR B 244 2.41 -19.35 23.78
C THR B 244 1.62 -20.29 22.89
N GLY B 245 0.35 -20.01 22.57
CA GLY B 245 -0.53 -20.87 21.82
C GLY B 245 -0.13 -21.22 20.40
N THR B 246 0.52 -20.34 19.65
CA THR B 246 0.94 -20.70 18.30
C THR B 246 2.39 -20.27 18.04
N PRO B 247 3.33 -21.11 18.46
CA PRO B 247 4.76 -20.88 18.28
C PRO B 247 5.19 -21.20 16.85
N VAL B 248 6.16 -20.45 16.32
CA VAL B 248 6.63 -20.74 14.95
C VAL B 248 8.14 -20.67 14.99
N VAL B 249 8.85 -21.67 14.49
CA VAL B 249 10.31 -21.66 14.55
C VAL B 249 10.87 -20.58 13.62
N GLY B 250 12.10 -20.13 13.85
CA GLY B 250 12.70 -19.17 12.93
C GLY B 250 12.37 -17.72 13.25
N GLY B 251 12.17 -17.41 14.51
CA GLY B 251 11.71 -16.22 15.13
C GLY B 251 12.64 -15.06 15.30
N LEU B 252 12.09 -13.94 15.83
CA LEU B 252 12.98 -12.84 16.21
C LEU B 252 13.75 -13.27 17.45
N THR B 253 15.01 -12.87 17.54
CA THR B 253 15.78 -13.26 18.71
C THR B 253 15.41 -12.38 19.90
N TYR B 254 15.98 -12.73 21.05
CA TYR B 254 15.72 -11.93 22.24
C TYR B 254 16.28 -10.52 22.05
N ARG B 255 17.51 -10.51 21.53
CA ARG B 255 18.22 -9.27 21.22
C ARG B 255 17.41 -8.42 20.25
N GLU B 256 16.81 -9.03 19.23
CA GLU B 256 16.07 -8.31 18.20
C GLU B 256 14.76 -7.74 18.74
N GLY B 257 14.22 -8.42 19.73
CA GLY B 257 13.04 -8.02 20.49
C GLY B 257 13.33 -6.82 21.37
N LEU B 258 14.51 -6.80 21.99
CA LEU B 258 14.96 -5.66 22.80
C LEU B 258 15.27 -4.50 21.86
N TYR B 259 15.81 -4.81 20.69
CA TYR B 259 16.18 -3.69 19.81
C TYR B 259 14.96 -2.95 19.28
N ILE B 260 13.93 -3.71 18.89
CA ILE B 260 12.69 -3.19 18.33
C ILE B 260 12.10 -2.16 19.28
N THR B 261 11.99 -2.60 20.53
CA THR B 261 11.30 -1.82 21.54
C THR B 261 12.18 -0.65 22.02
N GLU B 262 13.46 -0.84 22.20
CA GLU B 262 14.41 0.25 22.50
C GLU B 262 14.29 1.39 21.47
N GLU B 263 14.24 1.09 20.18
CA GLU B 263 14.10 2.12 19.15
C GLU B 263 12.73 2.77 19.16
N ILE B 264 11.67 2.01 19.47
CA ILE B 264 10.37 2.68 19.54
C ILE B 264 10.31 3.56 20.78
N TYR B 265 10.95 3.19 21.89
CA TYR B 265 11.02 4.08 23.03
C TYR B 265 11.70 5.40 22.68
N LYS B 266 12.74 5.31 21.85
CA LYS B 266 13.53 6.55 21.67
C LYS B 266 12.77 7.53 20.80
N THR B 267 11.81 7.04 20.01
CA THR B 267 11.03 8.00 19.24
C THR B 267 10.28 8.98 20.13
N GLY B 268 10.01 8.57 21.36
CA GLY B 268 9.15 9.36 22.22
C GLY B 268 7.70 9.37 21.79
N LEU B 269 7.31 8.56 20.81
CA LEU B 269 5.91 8.70 20.36
C LEU B 269 5.07 7.50 20.76
N LEU B 270 5.66 6.56 21.51
CA LEU B 270 4.87 5.42 21.98
C LEU B 270 3.61 5.92 22.70
N SER B 271 2.46 5.47 22.21
CA SER B 271 1.14 5.90 22.71
C SER B 271 0.37 4.76 23.34
N GLY B 272 0.44 3.56 22.74
CA GLY B 272 -0.25 2.42 23.31
C GLY B 272 0.56 1.15 23.05
N LEU B 273 0.45 0.16 23.95
CA LEU B 273 1.22 -1.06 23.73
C LEU B 273 0.53 -2.33 24.24
N ASP B 274 0.44 -3.31 23.37
CA ASP B 274 -0.14 -4.61 23.68
C ASP B 274 0.96 -5.66 23.87
N ILE B 275 0.87 -6.38 24.99
CA ILE B 275 1.67 -7.55 25.31
C ILE B 275 0.78 -8.78 25.39
N MET B 276 0.76 -9.58 24.31
CA MET B 276 -0.23 -10.60 24.08
C MET B 276 0.28 -12.02 23.88
N GLU B 277 -0.69 -12.94 24.01
CA GLU B 277 -0.51 -14.35 23.77
C GLU B 277 0.51 -15.03 24.67
N VAL B 278 0.92 -14.43 25.78
CA VAL B 278 1.68 -15.25 26.74
C VAL B 278 0.74 -16.29 27.39
N ASN B 279 1.06 -17.57 27.36
CA ASN B 279 0.17 -18.57 27.99
C ASN B 279 0.96 -19.56 28.84
N PRO B 280 1.09 -19.25 30.12
CA PRO B 280 1.96 -20.04 31.01
C PRO B 280 1.58 -21.51 31.00
N SER B 281 0.29 -21.83 30.89
CA SER B 281 -0.12 -23.22 30.84
C SER B 281 0.57 -24.06 29.77
N LEU B 282 1.15 -23.43 28.75
CA LEU B 282 1.75 -24.17 27.66
C LEU B 282 3.27 -24.32 27.79
N GLY B 283 3.89 -23.72 28.80
CA GLY B 283 5.31 -24.04 28.96
C GLY B 283 5.42 -25.53 29.27
N LYS B 284 6.43 -26.22 28.77
CA LYS B 284 6.46 -27.67 29.01
C LYS B 284 6.97 -27.96 30.41
N THR B 285 7.66 -26.95 30.93
CA THR B 285 8.41 -26.96 32.16
C THR B 285 8.28 -25.60 32.85
N PRO B 286 8.41 -25.58 34.16
CA PRO B 286 8.39 -24.31 34.88
C PRO B 286 9.48 -23.36 34.40
N GLU B 287 10.60 -23.86 33.89
CA GLU B 287 11.57 -22.94 33.29
C GLU B 287 11.05 -22.32 32.01
N GLU B 288 10.31 -23.07 31.18
CA GLU B 288 9.82 -22.48 29.93
C GLU B 288 8.85 -21.33 30.24
N VAL B 289 8.25 -21.41 31.43
CA VAL B 289 7.29 -20.44 31.92
C VAL B 289 7.95 -19.11 32.31
N THR B 290 8.98 -19.18 33.15
CA THR B 290 9.66 -17.96 33.57
C THR B 290 10.42 -17.32 32.42
N ARG B 291 10.90 -18.16 31.51
CA ARG B 291 11.68 -17.69 30.37
C ARG B 291 10.83 -16.79 29.49
N THR B 292 9.60 -17.26 29.30
CA THR B 292 8.61 -16.59 28.48
C THR B 292 8.12 -15.33 29.16
N VAL B 293 7.71 -15.47 30.42
CA VAL B 293 7.27 -14.31 31.19
C VAL B 293 8.44 -13.33 31.32
N ASN B 294 9.62 -13.81 31.71
CA ASN B 294 10.72 -12.84 31.87
C ASN B 294 11.06 -12.14 30.55
N THR B 295 10.98 -12.80 29.42
CA THR B 295 11.26 -12.15 28.13
C THR B 295 10.20 -11.10 27.83
N ALA B 296 8.94 -11.45 28.11
CA ALA B 296 7.86 -10.48 27.94
C ALA B 296 8.06 -9.27 28.84
N VAL B 297 8.51 -9.48 30.08
CA VAL B 297 8.72 -8.32 30.95
C VAL B 297 9.84 -7.45 30.38
N ALA B 298 10.93 -8.09 30.01
CA ALA B 298 12.07 -7.37 29.45
C ALA B 298 11.65 -6.49 28.29
N ILE B 299 10.79 -7.01 27.43
CA ILE B 299 10.36 -6.33 26.21
C ILE B 299 9.59 -5.09 26.62
N THR B 300 8.80 -5.25 27.68
CA THR B 300 7.96 -4.12 28.11
C THR B 300 8.78 -3.01 28.75
N LEU B 301 9.71 -3.31 29.65
CA LEU B 301 10.61 -2.35 30.27
C LEU B 301 11.36 -1.50 29.24
N ALA B 302 11.83 -2.10 28.17
CA ALA B 302 12.50 -1.47 27.04
C ALA B 302 11.59 -0.45 26.39
N CYS B 303 10.30 -0.80 26.29
CA CYS B 303 9.32 0.14 25.75
C CYS B 303 9.27 1.42 26.58
N PHE B 304 9.66 1.33 27.84
CA PHE B 304 9.53 2.56 28.64
C PHE B 304 10.89 3.04 29.13
N GLY B 305 11.91 2.87 28.28
CA GLY B 305 13.21 3.44 28.50
C GLY B 305 14.31 2.60 29.07
N LEU B 306 14.06 1.32 29.38
CA LEU B 306 15.21 0.57 29.89
C LEU B 306 16.15 0.23 28.71
N ALA B 307 17.36 0.73 28.78
CA ALA B 307 18.41 0.66 27.77
C ALA B 307 19.57 -0.23 28.19
N ARG B 308 19.91 -1.16 27.30
CA ARG B 308 21.04 -2.04 27.50
C ARG B 308 22.35 -1.28 27.64
N GLU B 309 22.49 -0.06 27.11
CA GLU B 309 23.72 0.70 27.34
C GLU B 309 23.77 1.21 28.78
N GLY B 310 22.61 1.17 29.43
CA GLY B 310 22.53 1.67 30.79
C GLY B 310 21.59 2.86 30.84
N ASN B 311 21.30 3.26 32.07
CA ASN B 311 20.39 4.33 32.41
C ASN B 311 20.93 5.18 33.56
N HIS B 312 20.66 6.48 33.62
CA HIS B 312 21.01 7.19 34.86
C HIS B 312 20.09 8.41 34.95
N LYS B 313 20.02 8.93 36.16
CA LYS B 313 19.11 9.99 36.53
C LYS B 313 19.79 11.34 36.56
N PRO B 314 18.97 12.39 36.53
CA PRO B 314 19.51 13.74 36.67
C PRO B 314 20.09 13.88 38.10
N ILE B 315 21.31 13.38 38.25
CA ILE B 315 22.11 13.35 39.44
C ILE B 315 23.60 13.36 39.06
N ASP B 316 24.45 13.95 39.90
CA ASP B 316 25.88 13.72 39.67
C ASP B 316 26.27 12.44 40.44
N TYR B 317 26.77 11.48 39.69
CA TYR B 317 27.21 10.22 40.30
C TYR B 317 28.69 10.24 40.64
N LEU B 318 29.38 11.35 40.40
CA LEU B 318 30.80 11.49 40.65
C LEU B 318 31.11 12.53 41.72
#